data_6Q9O
#
_entry.id   6Q9O
#
_cell.length_a   37.929
_cell.length_b   58.976
_cell.length_c   39.880
_cell.angle_alpha   90.000
_cell.angle_beta   106.820
_cell.angle_gamma   90.000
#
_symmetry.space_group_name_H-M   'P 1 21 1'
#
loop_
_entity.id
_entity.type
_entity.pdbx_description
1 polymer 'E3 ubiquitin-protein ligase Mdm2'
2 non-polymer ~{N}-~{tert}-butyl-2-[4-chloranyl-2-[5-(3-chloranyl-4-fluoranyl-phenyl)-2-cyclohexyl-4-(1~{H}-1,2,3,4-tetrazol-5-yl)imidazol-1-yl]phenyl]ethanamide
3 water water
#
_entity_poly.entity_id   1
_entity_poly.type   'polypeptide(L)'
_entity_poly.pdbx_seq_one_letter_code
;GSQIPASEQETLVRPKPLLLKLLKSVGAQKDTYTMKEVLFYLGQYIMTKRLYDEKQQHIVYCSNDLLGDLFGVPSFSVKE
HRKIYTMIYRNLVVVN
;
_entity_poly.pdbx_strand_id   A,B
#
loop_
_chem_comp.id
_chem_comp.type
_chem_comp.name
_chem_comp.formula
HU8 non-polymer ~{N}-~{tert}-butyl-2-[4-chloranyl-2-[5-(3-chloranyl-4-fluoranyl-phenyl)-2-cyclohexyl-4-(1~{H}-1,2,3,4-tetrazol-5-yl)imidazol-1-yl]phenyl]ethanamide 'C28 H30 Cl2 F N7 O'
#
# COMPACT_ATOMS: atom_id res chain seq x y z
N SER A 2 5.39 10.92 12.16
CA SER A 2 4.07 10.24 12.09
C SER A 2 3.39 10.16 13.46
N GLN A 3 2.08 10.24 13.42
CA GLN A 3 1.28 10.15 14.63
C GLN A 3 0.86 8.71 14.95
N ILE A 4 1.32 7.77 14.12
CA ILE A 4 1.01 6.36 14.35
C ILE A 4 2.27 5.60 14.76
N PRO A 5 2.37 5.19 16.04
CA PRO A 5 3.58 4.44 16.45
C PRO A 5 3.82 3.16 15.61
N ALA A 6 5.10 2.82 15.38
CA ALA A 6 5.43 1.63 14.59
C ALA A 6 4.82 0.36 15.15
N SER A 7 4.83 0.22 16.49
CA SER A 7 4.25 -0.94 17.12
C SER A 7 2.74 -1.05 16.84
N GLU A 8 2.08 0.11 16.67
CA GLU A 8 0.68 0.11 16.32
C GLU A 8 0.47 -0.36 14.88
N GLN A 9 1.34 0.10 13.97
CA GLN A 9 1.25 -0.31 12.57
C GLN A 9 1.42 -1.82 12.45
N GLU A 10 2.16 -2.42 13.38
CA GLU A 10 2.48 -3.84 13.37
C GLU A 10 1.45 -4.70 14.10
N THR A 11 0.43 -4.09 14.68
CA THR A 11 -0.55 -4.84 15.46
C THR A 11 -1.37 -5.76 14.58
N LEU A 12 -1.48 -7.02 14.99
CA LEU A 12 -2.26 -8.03 14.28
C LEU A 12 -3.72 -7.95 14.66
N VAL A 13 -4.58 -7.96 13.64
CA VAL A 13 -6.01 -7.70 13.80
C VAL A 13 -6.82 -8.65 12.92
N ARG A 14 -8.08 -8.83 13.30
CA ARG A 14 -9.05 -9.64 12.54
C ARG A 14 -10.19 -8.72 12.10
N PRO A 15 -10.17 -8.31 10.83
CA PRO A 15 -11.28 -7.47 10.34
C PRO A 15 -12.62 -8.19 10.50
N LYS A 16 -13.64 -7.44 10.88
CA LYS A 16 -15.01 -7.95 10.91
C LYS A 16 -15.46 -8.26 9.45
N PRO A 17 -16.57 -9.01 9.26
CA PRO A 17 -16.89 -9.55 7.94
C PRO A 17 -17.00 -8.52 6.81
N LEU A 18 -17.59 -7.36 7.09
CA LEU A 18 -17.75 -6.34 6.04
C LEU A 18 -16.43 -5.71 5.62
N LEU A 19 -15.58 -5.38 6.60
CA LEU A 19 -14.25 -4.90 6.26
C LEU A 19 -13.44 -5.98 5.54
N LEU A 20 -13.56 -7.21 6.02
CA LEU A 20 -12.83 -8.31 5.38
C LEU A 20 -13.22 -8.46 3.90
N LYS A 21 -14.51 -8.36 3.60
CA LYS A 21 -15.02 -8.42 2.23
C LYS A 21 -14.42 -7.32 1.35
N LEU A 22 -14.36 -6.12 1.92
CA LEU A 22 -13.74 -5.01 1.25
C LEU A 22 -12.26 -5.30 0.89
N LEU A 23 -11.49 -5.80 1.86
CA LEU A 23 -10.06 -6.07 1.62
C LEU A 23 -9.85 -7.16 0.56
N LYS A 24 -10.67 -8.20 0.60
CA LYS A 24 -10.54 -9.28 -0.36
C LYS A 24 -10.87 -8.80 -1.77
N SER A 25 -11.74 -7.80 -1.89
CA SER A 25 -12.10 -7.24 -3.20
C SER A 25 -10.93 -6.59 -3.93
N VAL A 26 -9.88 -6.23 -3.20
CA VAL A 26 -8.66 -5.69 -3.81
C VAL A 26 -7.46 -6.61 -3.64
N GLY A 27 -7.73 -7.90 -3.45
CA GLY A 27 -6.70 -8.93 -3.55
C GLY A 27 -6.16 -9.54 -2.27
N ALA A 28 -6.67 -9.11 -1.11
CA ALA A 28 -6.27 -9.68 0.17
C ALA A 28 -6.75 -11.13 0.29
N GLN A 29 -5.98 -11.96 0.99
CA GLN A 29 -6.17 -13.42 0.95
C GLN A 29 -6.37 -14.10 2.32
N LYS A 30 -6.28 -13.32 3.39
CA LYS A 30 -6.20 -13.87 4.76
C LYS A 30 -7.38 -13.42 5.62
N ASP A 31 -7.42 -13.92 6.86
CA ASP A 31 -8.37 -13.43 7.87
C ASP A 31 -7.72 -12.50 8.89
N THR A 32 -6.40 -12.57 9.02
CA THR A 32 -5.62 -11.79 10.00
CA THR A 32 -5.67 -11.81 10.00
C THR A 32 -4.61 -10.95 9.27
N TYR A 33 -4.43 -9.71 9.73
CA TYR A 33 -3.62 -8.71 9.05
C TYR A 33 -2.90 -7.88 10.07
N THR A 34 -1.81 -7.24 9.67
CA THR A 34 -1.30 -6.13 10.47
C THR A 34 -2.11 -4.87 10.11
N MET A 35 -2.12 -3.89 11.01
CA MET A 35 -2.78 -2.62 10.71
C MET A 35 -2.20 -1.99 9.44
N LYS A 36 -0.89 -2.07 9.24
CA LYS A 36 -0.30 -1.51 8.03
C LYS A 36 -0.84 -2.18 6.76
N GLU A 37 -1.07 -3.49 6.81
CA GLU A 37 -1.68 -4.18 5.68
C GLU A 37 -3.11 -3.68 5.46
N VAL A 38 -3.90 -3.62 6.53
CA VAL A 38 -5.28 -3.14 6.39
C VAL A 38 -5.29 -1.77 5.73
N LEU A 39 -4.45 -0.85 6.23
CA LEU A 39 -4.40 0.49 5.68
C LEU A 39 -4.06 0.50 4.19
N PHE A 40 -3.03 -0.26 3.83
CA PHE A 40 -2.59 -0.33 2.44
C PHE A 40 -3.70 -0.84 1.52
N TYR A 41 -4.37 -1.93 1.90
CA TYR A 41 -5.48 -2.43 1.10
C TYR A 41 -6.62 -1.43 1.02
N LEU A 42 -6.93 -0.74 2.11
CA LEU A 42 -7.93 0.32 2.05
C LEU A 42 -7.54 1.43 1.08
N GLY A 43 -6.26 1.79 1.06
CA GLY A 43 -5.81 2.76 0.07
C GLY A 43 -6.02 2.25 -1.37
N GLN A 44 -5.70 0.99 -1.60
CA GLN A 44 -5.96 0.38 -2.91
C GLN A 44 -7.44 0.41 -3.28
N TYR A 45 -8.29 0.11 -2.31
CA TYR A 45 -9.74 0.16 -2.50
C TYR A 45 -10.21 1.57 -2.88
N ILE A 46 -9.72 2.57 -2.16
CA ILE A 46 -10.07 3.97 -2.43
C ILE A 46 -9.68 4.33 -3.86
N MET A 47 -8.52 3.87 -4.30
CA MET A 47 -8.13 4.20 -5.66
CA MET A 47 -8.02 4.11 -5.67
C MET A 47 -8.94 3.45 -6.70
N THR A 48 -9.22 2.17 -6.51
CA THR A 48 -9.98 1.44 -7.53
CA THR A 48 -9.97 1.42 -7.51
C THR A 48 -11.42 1.94 -7.63
N LYS A 49 -12.00 2.34 -6.51
CA LYS A 49 -13.37 2.85 -6.52
C LYS A 49 -13.42 4.37 -6.80
N ARG A 50 -12.24 4.99 -6.91
CA ARG A 50 -12.09 6.44 -7.14
C ARG A 50 -12.91 7.26 -6.16
N LEU A 51 -12.70 6.98 -4.89
CA LEU A 51 -13.41 7.70 -3.85
C LEU A 51 -12.75 9.03 -3.55
N TYR A 52 -11.48 9.20 -3.92
CA TYR A 52 -10.81 10.49 -3.71
C TYR A 52 -11.33 11.51 -4.74
N ASP A 53 -11.34 12.77 -4.35
CA ASP A 53 -11.73 13.87 -5.24
C ASP A 53 -10.59 14.05 -6.26
N GLU A 54 -10.92 13.94 -7.54
CA GLU A 54 -9.91 14.02 -8.59
C GLU A 54 -9.17 15.35 -8.62
N LYS A 55 -9.82 16.40 -8.16
CA LYS A 55 -9.25 17.75 -8.12
C LYS A 55 -8.67 18.15 -6.77
N GLN A 56 -8.99 17.40 -5.72
CA GLN A 56 -8.49 17.64 -4.38
C GLN A 56 -8.21 16.27 -3.77
N GLN A 57 -7.06 15.73 -4.15
CA GLN A 57 -6.79 14.29 -4.00
C GLN A 57 -6.48 13.86 -2.59
N HIS A 58 -6.45 14.81 -1.66
CA HIS A 58 -6.34 14.52 -0.23
C HIS A 58 -7.71 14.40 0.45
N ILE A 59 -8.80 14.58 -0.31
CA ILE A 59 -10.13 14.44 0.23
C ILE A 59 -10.79 13.18 -0.33
N VAL A 60 -11.33 12.37 0.58
CA VAL A 60 -12.08 11.19 0.19
C VAL A 60 -13.55 11.41 0.46
N TYR A 61 -14.36 11.19 -0.57
CA TYR A 61 -15.82 11.18 -0.41
C TYR A 61 -16.27 9.72 -0.44
N CYS A 62 -16.72 9.26 0.71
CA CYS A 62 -17.07 7.85 0.89
C CYS A 62 -18.57 7.61 1.09
N SER A 63 -19.38 8.66 1.03
CA SER A 63 -20.84 8.48 1.03
C SER A 63 -21.28 7.57 -0.12
N ASN A 64 -22.31 6.78 0.12
CA ASN A 64 -22.87 5.88 -0.89
C ASN A 64 -21.91 4.77 -1.30
N ASP A 65 -20.96 4.48 -0.40
CA ASP A 65 -20.05 3.38 -0.59
C ASP A 65 -19.99 2.67 0.75
N LEU A 66 -19.78 1.35 0.71
CA LEU A 66 -19.59 0.60 1.94
C LEU A 66 -18.56 1.23 2.87
N LEU A 67 -17.48 1.78 2.32
CA LEU A 67 -16.48 2.42 3.19
C LEU A 67 -17.08 3.52 4.08
N GLY A 68 -17.93 4.36 3.51
CA GLY A 68 -18.58 5.40 4.27
C GLY A 68 -19.44 4.85 5.41
N ASP A 69 -20.13 3.75 5.14
CA ASP A 69 -20.95 3.12 6.18
C ASP A 69 -20.08 2.54 7.29
N LEU A 70 -18.97 1.93 6.90
CA LEU A 70 -18.08 1.33 7.89
C LEU A 70 -17.36 2.37 8.74
N PHE A 71 -16.99 3.49 8.09
CA PHE A 71 -16.28 4.55 8.79
C PHE A 71 -17.25 5.47 9.57
N GLY A 72 -18.51 5.52 9.14
CA GLY A 72 -19.52 6.36 9.76
C GLY A 72 -19.43 7.84 9.41
N VAL A 73 -18.79 8.17 8.29
CA VAL A 73 -18.67 9.56 7.82
C VAL A 73 -18.92 9.62 6.32
N PRO A 74 -19.35 10.79 5.80
CA PRO A 74 -19.54 10.94 4.36
C PRO A 74 -18.24 11.28 3.64
N SER A 75 -17.25 11.78 4.37
CA SER A 75 -15.99 12.22 3.75
C SER A 75 -14.97 12.39 4.84
N PHE A 76 -13.69 12.43 4.45
CA PHE A 76 -12.61 12.71 5.39
C PHE A 76 -11.40 13.20 4.63
N SER A 77 -10.51 13.87 5.34
CA SER A 77 -9.20 14.23 4.83
C SER A 77 -8.22 13.11 5.12
N VAL A 78 -7.45 12.71 4.11
CA VAL A 78 -6.49 11.62 4.27
C VAL A 78 -5.33 12.01 5.18
N LYS A 79 -5.19 13.29 5.50
CA LYS A 79 -4.18 13.77 6.43
C LYS A 79 -4.50 13.41 7.88
N GLU A 80 -5.74 13.04 8.14
CA GLU A 80 -6.20 12.80 9.50
C GLU A 80 -5.89 11.38 9.92
N HIS A 81 -4.60 11.08 10.12
CA HIS A 81 -4.19 9.69 10.28
C HIS A 81 -4.78 9.02 11.49
N ARG A 82 -4.77 9.70 12.64
CA ARG A 82 -5.36 9.14 13.83
C ARG A 82 -6.86 8.90 13.66
N LYS A 83 -7.59 9.86 13.09
CA LYS A 83 -9.02 9.65 12.86
C LYS A 83 -9.26 8.42 11.97
N ILE A 84 -8.44 8.25 10.95
CA ILE A 84 -8.57 7.09 10.07
C ILE A 84 -8.34 5.79 10.84
N TYR A 85 -7.27 5.73 11.63
CA TYR A 85 -7.04 4.55 12.45
C TYR A 85 -8.24 4.27 13.35
N THR A 86 -8.79 5.31 13.98
CA THR A 86 -9.95 5.12 14.85
C THR A 86 -11.13 4.55 14.07
N MET A 87 -11.37 5.07 12.87
CA MET A 87 -12.46 4.56 12.04
C MET A 87 -12.24 3.10 11.62
N ILE A 88 -10.99 2.73 11.37
CA ILE A 88 -10.66 1.34 11.05
C ILE A 88 -10.93 0.42 12.25
N TYR A 89 -10.56 0.89 13.45
CA TYR A 89 -10.75 0.11 14.69
C TYR A 89 -12.20 -0.29 14.94
N ARG A 90 -13.15 0.52 14.46
CA ARG A 90 -14.60 0.22 14.53
C ARG A 90 -14.92 -1.14 13.94
N ASN A 91 -14.05 -1.58 13.03
CA ASN A 91 -14.36 -2.64 12.09
C ASN A 91 -13.48 -3.87 12.24
N LEU A 92 -12.90 -4.06 13.41
CA LEU A 92 -12.01 -5.20 13.63
C LEU A 92 -11.98 -5.59 15.09
N VAL A 93 -11.38 -6.74 15.36
CA VAL A 93 -11.04 -7.19 16.72
C VAL A 93 -9.54 -7.43 16.72
N VAL A 94 -8.85 -6.94 17.75
CA VAL A 94 -7.41 -7.14 17.86
C VAL A 94 -7.11 -8.57 18.29
N VAL A 95 -6.10 -9.18 17.69
CA VAL A 95 -5.64 -10.50 18.15
C VAL A 95 -5.06 -10.41 19.58
N SER B 2 3.72 11.93 1.97
CA SER B 2 4.76 11.56 0.97
C SER B 2 4.86 12.56 -0.20
N GLN B 3 3.81 13.34 -0.42
CA GLN B 3 3.66 14.19 -1.61
C GLN B 3 3.61 13.39 -2.92
N ILE B 4 3.20 12.12 -2.83
CA ILE B 4 2.90 11.30 -4.00
C ILE B 4 1.39 11.12 -4.01
N PRO B 5 0.71 11.86 -4.89
CA PRO B 5 -0.73 11.83 -4.88
C PRO B 5 -1.30 10.63 -5.61
N ALA B 6 -2.58 10.41 -5.39
CA ALA B 6 -3.32 9.38 -6.09
C ALA B 6 -3.05 9.37 -7.60
N SER B 7 -3.06 10.54 -8.23
CA SER B 7 -2.87 10.59 -9.67
C SER B 7 -1.54 9.97 -10.09
N GLU B 8 -0.49 10.17 -9.28
CA GLU B 8 0.79 9.59 -9.60
C GLU B 8 0.76 8.06 -9.45
N GLN B 9 -0.03 7.56 -8.50
CA GLN B 9 -0.20 6.10 -8.34
C GLN B 9 -0.96 5.47 -9.51
N GLU B 10 -1.66 6.30 -10.28
CA GLU B 10 -2.37 5.84 -11.48
C GLU B 10 -1.50 5.89 -12.74
N THR B 11 -0.27 6.39 -12.61
CA THR B 11 0.71 6.47 -13.73
C THR B 11 0.96 5.07 -14.32
N LEU B 12 0.86 4.96 -15.63
CA LEU B 12 1.19 3.72 -16.33
C LEU B 12 2.68 3.68 -16.65
N VAL B 13 3.26 2.48 -16.48
CA VAL B 13 4.69 2.26 -16.66
C VAL B 13 4.97 0.98 -17.43
N ARG B 14 6.08 0.98 -18.17
CA ARG B 14 6.58 -0.17 -18.90
C ARG B 14 7.86 -0.64 -18.19
N PRO B 15 7.82 -1.78 -17.46
CA PRO B 15 9.02 -2.16 -16.69
C PRO B 15 10.18 -2.61 -17.57
N LYS B 16 11.39 -2.40 -17.09
CA LYS B 16 12.59 -2.97 -17.69
C LYS B 16 12.81 -4.41 -17.18
N PRO B 17 13.78 -5.16 -17.74
CA PRO B 17 13.79 -6.61 -17.47
C PRO B 17 13.93 -7.02 -16.00
N LEU B 18 14.81 -6.36 -15.25
CA LEU B 18 15.01 -6.76 -13.85
C LEU B 18 13.75 -6.54 -13.03
N LEU B 19 13.11 -5.39 -13.20
CA LEU B 19 11.89 -5.11 -12.48
C LEU B 19 10.80 -6.10 -12.88
N LEU B 20 10.67 -6.36 -14.17
CA LEU B 20 9.65 -7.31 -14.61
C LEU B 20 9.85 -8.68 -13.98
N LYS B 21 11.10 -9.14 -13.92
CA LYS B 21 11.40 -10.40 -13.24
C LYS B 21 10.91 -10.39 -11.78
N LEU B 22 11.20 -9.32 -11.04
CA LEU B 22 10.74 -9.20 -9.66
C LEU B 22 9.22 -9.25 -9.59
N LEU B 23 8.54 -8.48 -10.44
CA LEU B 23 7.09 -8.44 -10.40
C LEU B 23 6.49 -9.83 -10.67
N LYS B 24 7.00 -10.51 -11.68
CA LYS B 24 6.48 -11.82 -12.04
C LYS B 24 6.73 -12.85 -10.95
N SER B 25 7.79 -12.65 -10.16
CA SER B 25 8.10 -13.60 -9.10
C SER B 25 7.02 -13.64 -8.03
N VAL B 26 6.23 -12.58 -7.92
CA VAL B 26 5.10 -12.50 -6.99
C VAL B 26 3.76 -12.47 -7.73
N GLY B 27 3.76 -12.95 -8.96
CA GLY B 27 2.51 -13.24 -9.65
C GLY B 27 2.04 -12.22 -10.69
N ALA B 28 2.79 -11.15 -10.91
CA ALA B 28 2.39 -10.17 -11.92
C ALA B 28 2.32 -10.83 -13.29
N GLN B 29 1.36 -10.44 -14.12
CA GLN B 29 1.16 -11.15 -15.37
C GLN B 29 0.68 -10.24 -16.50
N LYS B 30 1.24 -9.02 -16.54
CA LYS B 30 0.87 -8.01 -17.54
C LYS B 30 2.10 -7.45 -18.24
N ASP B 31 1.89 -6.73 -19.34
CA ASP B 31 2.99 -6.01 -20.01
C ASP B 31 3.27 -4.66 -19.38
N THR B 32 2.21 -3.96 -18.96
CA THR B 32 2.36 -2.65 -18.34
C THR B 32 1.57 -2.64 -17.03
N TYR B 33 1.91 -1.70 -16.16
CA TYR B 33 1.36 -1.63 -14.82
C TYR B 33 1.10 -0.20 -14.45
N THR B 34 0.20 0.02 -13.50
CA THR B 34 0.16 1.32 -12.83
C THR B 34 1.09 1.28 -11.62
N MET B 35 1.53 2.45 -11.18
CA MET B 35 2.42 2.51 -10.03
C MET B 35 1.84 1.90 -8.77
N LYS B 36 0.52 2.00 -8.57
CA LYS B 36 -0.07 1.39 -7.39
C LYS B 36 0.09 -0.14 -7.41
N GLU B 37 0.08 -0.72 -8.62
CA GLU B 37 0.32 -2.15 -8.77
C GLU B 37 1.77 -2.52 -8.53
N VAL B 38 2.69 -1.74 -9.10
CA VAL B 38 4.12 -1.97 -8.87
C VAL B 38 4.41 -1.94 -7.38
N LEU B 39 3.86 -0.94 -6.69
CA LEU B 39 4.06 -0.81 -5.26
C LEU B 39 3.52 -2.03 -4.50
N PHE B 40 2.31 -2.46 -4.86
CA PHE B 40 1.75 -3.67 -4.26
C PHE B 40 2.68 -4.87 -4.41
N TYR B 41 3.14 -5.14 -5.63
CA TYR B 41 3.97 -6.30 -5.87
C TYR B 41 5.31 -6.19 -5.14
N LEU B 42 5.91 -5.01 -5.14
CA LEU B 42 7.16 -4.81 -4.41
C LEU B 42 6.99 -5.10 -2.92
N GLY B 43 5.89 -4.62 -2.34
CA GLY B 43 5.59 -4.91 -0.93
C GLY B 43 5.43 -6.40 -0.67
N GLN B 44 4.71 -7.10 -1.55
CA GLN B 44 4.55 -8.54 -1.41
C GLN B 44 5.87 -9.28 -1.51
N TYR B 45 6.74 -8.83 -2.41
CA TYR B 45 8.08 -9.40 -2.55
C TYR B 45 8.86 -9.26 -1.25
N ILE B 46 8.87 -8.05 -0.70
CA ILE B 46 9.61 -7.78 0.53
C ILE B 46 9.07 -8.64 1.69
N MET B 47 7.75 -8.79 1.79
CA MET B 47 7.18 -9.60 2.86
C MET B 47 7.48 -11.07 2.69
N THR B 48 7.28 -11.57 1.48
CA THR B 48 7.42 -13.01 1.28
C THR B 48 8.86 -13.50 1.44
N LYS B 49 9.82 -12.61 1.23
CA LYS B 49 11.23 -12.94 1.41
C LYS B 49 11.82 -12.45 2.74
N ARG B 50 10.96 -11.83 3.57
CA ARG B 50 11.35 -11.28 4.88
C ARG B 50 12.57 -10.37 4.76
N LEU B 51 12.54 -9.41 3.83
CA LEU B 51 13.70 -8.55 3.62
C LEU B 51 13.77 -7.41 4.62
N TYR B 52 12.66 -7.13 5.27
CA TYR B 52 12.59 -6.06 6.26
C TYR B 52 13.32 -6.42 7.55
N ASP B 53 13.75 -5.40 8.27
CA ASP B 53 14.25 -5.54 9.62
C ASP B 53 13.02 -5.70 10.51
N GLU B 54 12.86 -6.85 11.14
CA GLU B 54 11.63 -7.12 11.91
C GLU B 54 11.45 -6.20 13.11
N LYS B 55 12.57 -5.76 13.68
CA LYS B 55 12.55 -4.89 14.86
C LYS B 55 12.45 -3.42 14.49
N GLN B 56 12.87 -3.06 13.28
CA GLN B 56 12.86 -1.68 12.81
C GLN B 56 12.28 -1.69 11.39
N GLN B 57 10.96 -1.80 11.29
CA GLN B 57 10.30 -2.12 10.02
C GLN B 57 10.23 -0.98 9.03
N HIS B 58 10.82 0.16 9.35
CA HIS B 58 11.02 1.16 8.32
C HIS B 58 12.24 0.84 7.46
N ILE B 59 13.03 -0.17 7.86
CA ILE B 59 14.25 -0.53 7.15
C ILE B 59 14.07 -1.82 6.38
N VAL B 60 14.48 -1.79 5.11
CA VAL B 60 14.54 -2.98 4.27
C VAL B 60 15.99 -3.21 3.85
N TYR B 61 16.46 -4.44 4.07
CA TYR B 61 17.80 -4.84 3.60
C TYR B 61 17.65 -5.57 2.28
N CYS B 62 18.31 -5.06 1.25
CA CYS B 62 18.17 -5.65 -0.07
C CYS B 62 19.48 -6.14 -0.66
N SER B 63 20.56 -6.11 0.12
CA SER B 63 21.79 -6.77 -0.29
C SER B 63 21.54 -8.24 -0.58
N ASN B 64 22.31 -8.79 -1.50
CA ASN B 64 22.28 -10.22 -1.79
C ASN B 64 20.91 -10.67 -2.28
N ASP B 65 20.22 -9.74 -2.96
CA ASP B 65 18.90 -10.00 -3.49
C ASP B 65 18.73 -9.17 -4.76
N LEU B 66 17.94 -9.68 -5.69
CA LEU B 66 17.58 -8.95 -6.91
C LEU B 66 17.12 -7.49 -6.62
N LEU B 67 16.44 -7.27 -5.49
CA LEU B 67 15.98 -5.93 -5.17
C LEU B 67 17.16 -4.96 -5.01
N GLY B 68 18.27 -5.44 -4.47
CA GLY B 68 19.49 -4.63 -4.39
C GLY B 68 20.04 -4.23 -5.76
N ASP B 69 19.93 -5.12 -6.74
CA ASP B 69 20.28 -4.76 -8.11
C ASP B 69 19.35 -3.70 -8.68
N LEU B 70 18.06 -3.82 -8.37
CA LEU B 70 17.08 -2.84 -8.84
C LEU B 70 17.39 -1.47 -8.31
N PHE B 71 17.68 -1.40 -7.02
CA PHE B 71 17.73 -0.12 -6.35
C PHE B 71 19.15 0.44 -6.26
N GLY B 72 20.15 -0.42 -6.33
CA GLY B 72 21.55 0.01 -6.30
C GLY B 72 22.03 0.44 -4.93
N VAL B 73 21.37 -0.06 -3.89
CA VAL B 73 21.73 0.23 -2.50
C VAL B 73 21.64 -1.06 -1.70
N PRO B 74 22.33 -1.10 -0.54
CA PRO B 74 22.24 -2.30 0.30
C PRO B 74 21.00 -2.31 1.22
N SER B 75 20.41 -1.14 1.45
CA SER B 75 19.29 -1.02 2.35
C SER B 75 18.63 0.31 2.08
N PHE B 76 17.39 0.45 2.54
CA PHE B 76 16.71 1.72 2.42
C PHE B 76 15.68 1.85 3.50
N SER B 77 15.22 3.08 3.68
CA SER B 77 14.21 3.39 4.66
C SER B 77 12.95 3.80 3.93
N VAL B 78 11.80 3.51 4.53
CA VAL B 78 10.52 4.00 4.01
C VAL B 78 10.12 5.37 4.53
N LYS B 79 11.01 6.05 5.25
CA LYS B 79 10.65 7.35 5.82
C LYS B 79 10.29 8.39 4.77
N GLU B 80 10.94 8.36 3.59
CA GLU B 80 10.66 9.30 2.51
C GLU B 80 10.30 8.49 1.26
N HIS B 81 9.02 8.35 0.96
CA HIS B 81 8.54 7.58 -0.19
C HIS B 81 9.14 8.06 -1.51
N ARG B 82 9.37 9.37 -1.63
CA ARG B 82 9.96 9.93 -2.85
C ARG B 82 11.30 9.27 -3.18
N LYS B 83 12.10 8.96 -2.16
CA LYS B 83 13.40 8.35 -2.38
C LYS B 83 13.29 6.88 -2.79
N ILE B 84 12.25 6.19 -2.37
CA ILE B 84 11.96 4.85 -2.90
C ILE B 84 11.50 4.95 -4.36
N TYR B 85 10.59 5.88 -4.63
CA TYR B 85 10.04 6.02 -5.97
C TYR B 85 11.14 6.35 -6.98
N THR B 86 12.12 7.17 -6.60
CA THR B 86 13.18 7.49 -7.56
C THR B 86 13.96 6.21 -7.95
N MET B 87 14.13 5.29 -7.00
CA MET B 87 14.81 4.03 -7.27
C MET B 87 13.95 3.10 -8.14
N ILE B 88 12.63 3.09 -7.91
CA ILE B 88 11.73 2.30 -8.75
C ILE B 88 11.74 2.84 -10.19
N TYR B 89 11.62 4.16 -10.32
CA TYR B 89 11.42 4.79 -11.61
C TYR B 89 12.61 4.59 -12.56
N ARG B 90 13.81 4.38 -12.02
CA ARG B 90 14.96 4.09 -12.88
C ARG B 90 14.78 2.79 -13.66
N ASN B 91 13.92 1.91 -13.17
CA ASN B 91 13.72 0.58 -13.70
C ASN B 91 12.53 0.43 -14.63
N LEU B 92 12.06 1.54 -15.19
CA LEU B 92 10.86 1.52 -16.01
C LEU B 92 10.81 2.74 -16.91
N VAL B 93 9.86 2.73 -17.83
CA VAL B 93 9.52 3.87 -18.67
C VAL B 93 8.17 4.38 -18.23
N VAL B 94 8.11 5.65 -17.89
CA VAL B 94 6.84 6.32 -17.54
C VAL B 94 6.12 6.66 -18.84
N VAL B 95 4.84 6.29 -18.93
CA VAL B 95 4.01 6.61 -20.08
C VAL B 95 3.26 7.92 -19.85
C2 HU8 C . -1.54 7.09 6.96
C3 HU8 C . -2.92 7.23 6.78
C41 HU8 C . -4.55 4.30 2.99
C43 HU8 C . -5.85 4.34 3.48
C45 HU8 C . -6.50 5.57 3.63
C46 HU8 C . -5.86 6.76 3.29
C49 HU8 C . -2.44 5.45 2.14
C52 HU8 C . -2.10 4.34 1.23
C56 HU8 C . -1.42 3.90 -1.12
C57 HU8 C . -1.44 4.76 -2.41
C11 HU8 C . -3.01 8.58 3.21
C13 HU8 C . -4.06 8.62 1.32
C15 HU8 C . -2.59 9.70 2.54
C16 HU8 C . -1.72 10.82 2.89
C22 HU8 C . -5.00 8.22 0.19
C24 HU8 C . -5.15 9.36 -0.86
C27 HU8 C . -6.23 8.96 -1.90
C30 HU8 C . -5.86 7.62 -2.58
F1 HU8 C . -1.11 6.61 8.13
C4 HU8 C . -3.41 7.74 5.57
C6 HU8 C . -2.52 8.07 4.54
C7 HU8 C . -1.15 7.87 4.73
C9 HU8 C . -0.65 7.38 5.94
N12 HU8 C . -3.89 7.92 2.45
N14 HU8 C . -3.32 9.65 1.31
N17 HU8 C . -1.35 11.08 4.11
N19 HU8 C . -0.64 12.21 4.06
N20 HU8 C . -0.64 12.63 2.79
N21 HU8 C . -1.39 11.73 2.03
C33 HU8 C . -5.67 6.50 -1.54
C36 HU8 C . -4.59 6.89 -0.49
C39 HU8 C . -4.53 6.72 2.79
C40 HU8 C . -3.87 5.49 2.65
CL1 HU8 C . -8.09 5.60 4.30
O53 HU8 C . -2.04 3.17 1.63
N54 HU8 C . -1.87 4.75 -0.03
C61 HU8 C . 0.06 3.50 -0.83
C65 HU8 C . -2.31 2.65 -1.35
CL2 HU8 C . -3.98 6.84 8.07
C2 HU8 D . 4.68 3.87 -0.21
C3 HU8 D . 6.01 3.47 -0.06
C41 HU8 D . 5.45 -1.43 -0.60
C43 HU8 D . 6.73 -1.41 -1.16
C45 HU8 D . 7.80 -0.90 -0.42
C46 HU8 D . 7.60 -0.45 0.89
C49 HU8 D . 3.84 -1.01 1.30
C52 HU8 D . 3.29 -2.38 1.44
C56 HU8 D . 2.38 -4.02 3.12
C57 HU8 D . 3.35 -5.18 2.74
C11 HU8 D . 5.81 1.30 3.03
C13 HU8 D . 6.45 -0.53 3.94
C15 HU8 D . 5.82 1.51 4.37
C16 HU8 D . 5.56 2.68 5.23
C22 HU8 D . 6.90 -1.96 4.17
C24 HU8 D . 8.37 -1.93 4.68
C27 HU8 D . 8.86 -3.36 5.02
C30 HU8 D . 7.95 -3.99 6.11
F1 HU8 D . 4.34 4.65 -1.23
C4 HU8 D . 6.37 2.66 0.99
C6 HU8 D . 5.42 2.23 1.91
C7 HU8 D . 4.07 2.62 1.78
C9 HU8 D . 3.70 3.46 0.70
N12 HU8 D . 6.19 0.04 2.78
N14 HU8 D . 6.25 0.26 4.92
N17 HU8 D . 5.36 2.61 6.51
N19 HU8 D . 5.21 3.87 6.93
N20 HU8 D . 5.36 4.68 5.89
N21 HU8 D . 5.61 3.87 4.76
C33 HU8 D . 6.46 -4.00 5.71
C36 HU8 D . 5.97 -2.60 5.26
C39 HU8 D . 6.32 -0.48 1.49
C40 HU8 D . 5.26 -0.98 0.72
CL1 HU8 D . 9.36 -0.76 -1.15
O53 HU8 D . 3.17 -3.10 0.45
N54 HU8 D . 2.95 -2.74 2.71
C61 HU8 D . 2.26 -3.97 4.66
C65 HU8 D . 0.98 -4.30 2.47
CL2 HU8 D . 7.21 4.01 -1.20
#